data_3C0S
#
_entry.id   3C0S
#
_cell.length_a   37.137
_cell.length_b   47.562
_cell.length_c   48.250
_cell.angle_alpha   99.50
_cell.angle_beta   111.39
_cell.angle_gamma   109.02
#
_symmetry.space_group_name_H-M   'P 1'
#
loop_
_entity.id
_entity.type
_entity.pdbx_description
1 polymer 'UV endonuclease'
2 non-polymer 'MANGANESE (II) ION'
3 non-polymer 'SODIUM ION'
4 water water
#
_entity_poly.entity_id   1
_entity_poly.type   'polypeptide(L)'
_entity_poly.pdbx_seq_one_letter_code
;MGHHHHHHHHHHSSGHIEGRH(MSE)IRLGYPCENLTLGATTNRTLRLAHLTEERVREKAAENLRDLERILRFNADHGFA
LFRIGQHLIPFASHPLFPYDWEGAYEEELARLGALARAFGQRLS(MSE)HPGQYVNPGSPDPEVVERSLAELRYSARLLS
LLGAEDGVLVLHLGGAYGEKGKALRRFVENLRGEEEVLRYLALENDERLWNVEEVLKAAEALGVPVVVDTLHHALNPGRL
PLEEALRLAFPTWRGRP(KCX)VHLASQDPKKRPGAHAFRVTREDWERLLSALPGPADV(MSE)VEAKGKEQGLATP
;
_entity_poly.pdbx_strand_id   A
#
loop_
_chem_comp.id
_chem_comp.type
_chem_comp.name
_chem_comp.formula
MN non-polymer 'MANGANESE (II) ION' 'Mn 2'
NA non-polymer 'SODIUM ION' 'Na 1'
#
# COMPACT_ATOMS: atom_id res chain seq x y z
N GLY A 19 -0.26 6.66 23.94
CA GLY A 19 -0.56 5.36 24.63
C GLY A 19 -0.60 4.13 23.72
N ARG A 20 -0.19 2.98 24.28
CA ARG A 20 -0.14 1.66 23.59
C ARG A 20 -1.52 0.98 23.38
N HIS A 21 -2.07 1.12 22.16
CA HIS A 21 -3.38 0.56 21.83
C HIS A 21 -3.23 -0.76 21.10
N MSE A 22 -4.29 -1.59 21.09
CA MSE A 22 -4.16 -2.86 20.29
C MSE A 22 -4.29 -2.55 18.79
O MSE A 22 -4.01 -3.38 17.98
CB MSE A 22 -5.18 -3.96 20.68
CG MSE A 22 -5.02 -4.60 22.04
SE MSE A 22 -3.30 -5.52 22.18
CE MSE A 22 -2.28 -4.09 22.92
N ILE A 23 -4.84 -1.37 18.45
CA ILE A 23 -4.95 -0.95 17.07
C ILE A 23 -3.86 0.07 16.74
N ARG A 24 -2.93 -0.34 15.88
CA ARG A 24 -1.80 0.49 15.45
C ARG A 24 -2.23 1.35 14.25
N LEU A 25 -1.69 2.58 14.15
CA LEU A 25 -2.07 3.50 13.08
C LEU A 25 -0.93 3.88 12.16
N GLY A 26 -1.27 4.25 10.93
CA GLY A 26 -0.32 4.73 9.92
C GLY A 26 -0.95 5.73 8.94
N TYR A 27 -0.13 6.30 8.07
CA TYR A 27 -0.59 7.24 7.03
C TYR A 27 0.40 7.04 5.87
N PRO A 28 0.00 7.43 4.64
CA PRO A 28 0.86 7.14 3.46
C PRO A 28 1.71 8.30 2.88
N CYS A 29 2.90 7.92 2.43
CA CYS A 29 3.72 8.65 1.45
C CYS A 29 4.52 9.87 1.91
N GLU A 30 3.83 10.71 2.70
CA GLU A 30 4.30 12.02 3.06
C GLU A 30 3.75 12.48 4.42
N ASN A 31 4.51 13.39 5.03
CA ASN A 31 4.13 14.01 6.28
C ASN A 31 4.03 15.54 6.08
N LEU A 32 2.85 16.06 6.37
CA LEU A 32 2.52 17.43 6.10
C LEU A 32 3.13 18.37 7.14
N THR A 33 3.15 17.94 8.39
CA THR A 33 3.81 18.70 9.47
C THR A 33 5.27 19.02 9.08
N LEU A 34 6.10 17.98 8.84
CA LEU A 34 7.47 18.10 8.38
C LEU A 34 7.73 18.66 6.94
N GLY A 35 6.74 18.58 6.05
CA GLY A 35 6.98 18.85 4.60
C GLY A 35 7.96 17.82 4.09
N ALA A 36 7.91 16.66 4.70
CA ALA A 36 8.69 15.53 4.23
C ALA A 36 7.81 14.68 3.30
N THR A 37 8.42 14.19 2.20
CA THR A 37 7.83 13.23 1.26
C THR A 37 8.84 12.15 0.78
N THR A 38 8.29 10.99 0.49
CA THR A 38 9.04 9.90 -0.12
C THR A 38 8.79 9.86 -1.61
N ASN A 39 8.12 10.88 -2.12
CA ASN A 39 7.51 10.77 -3.41
C ASN A 39 7.93 11.79 -4.48
N ARG A 40 9.08 12.42 -4.29
CA ARG A 40 9.61 13.34 -5.34
C ARG A 40 9.84 12.54 -6.62
N THR A 41 9.47 13.12 -7.74
CA THR A 41 9.87 12.53 -9.02
C THR A 41 10.53 13.62 -9.91
N LEU A 42 10.54 13.36 -11.21
CA LEU A 42 11.11 14.22 -12.27
C LEU A 42 10.59 13.75 -13.64
N ARG A 43 10.79 14.60 -14.65
CA ARG A 43 10.37 14.28 -16.02
C ARG A 43 11.39 13.31 -16.63
N LEU A 44 10.97 12.46 -17.56
CA LEU A 44 11.94 11.52 -18.12
C LEU A 44 13.06 12.24 -18.93
N ALA A 45 12.77 13.43 -19.49
CA ALA A 45 13.82 14.30 -20.09
C ALA A 45 14.99 14.65 -19.11
N HIS A 46 14.72 14.57 -17.79
CA HIS A 46 15.69 15.01 -16.80
C HIS A 46 16.22 13.80 -16.02
N LEU A 47 15.98 12.62 -16.57
CA LEU A 47 16.36 11.37 -15.91
C LEU A 47 17.86 11.04 -16.03
N THR A 48 18.69 11.95 -15.53
CA THR A 48 20.13 11.71 -15.51
C THR A 48 20.54 10.95 -14.25
N GLU A 49 21.64 10.22 -14.33
CA GLU A 49 22.15 9.53 -13.15
C GLU A 49 22.21 10.56 -11.99
N GLU A 50 22.80 11.72 -12.25
CA GLU A 50 22.97 12.74 -11.22
C GLU A 50 21.66 13.28 -10.60
N ARG A 51 20.66 13.59 -11.42
CA ARG A 51 19.39 14.13 -10.95
C ARG A 51 18.55 13.07 -10.20
N VAL A 52 18.56 11.83 -10.70
CA VAL A 52 17.80 10.79 -10.00
C VAL A 52 18.43 10.56 -8.63
N ARG A 53 19.77 10.52 -8.58
CA ARG A 53 20.48 10.30 -7.32
C ARG A 53 20.14 11.42 -6.32
N GLU A 54 20.01 12.63 -6.90
CA GLU A 54 19.54 13.81 -6.15
C GLU A 54 18.25 13.54 -5.43
N LYS A 55 17.19 13.28 -6.23
CA LYS A 55 15.81 12.95 -5.76
C LYS A 55 15.75 11.74 -4.82
N ALA A 56 16.34 10.62 -5.24
CA ALA A 56 16.38 9.47 -4.38
C ALA A 56 16.95 9.79 -3.02
N ALA A 57 18.05 10.50 -2.99
CA ALA A 57 18.66 10.88 -1.69
C ALA A 57 17.72 11.67 -0.80
N GLU A 58 17.09 12.72 -1.33
CA GLU A 58 16.17 13.49 -0.55
C GLU A 58 14.98 12.58 -0.02
N ASN A 59 14.47 11.68 -0.88
CA ASN A 59 13.35 10.77 -0.53
C ASN A 59 13.83 9.82 0.57
N LEU A 60 15.05 9.30 0.44
CA LEU A 60 15.55 8.46 1.51
C LEU A 60 15.77 9.26 2.81
N ARG A 61 16.32 10.48 2.71
CA ARG A 61 16.45 11.32 3.89
C ARG A 61 15.09 11.41 4.58
N ASP A 62 14.06 11.64 3.76
CA ASP A 62 12.69 11.88 4.27
C ASP A 62 12.04 10.64 4.80
N LEU A 63 12.29 9.53 4.12
CA LEU A 63 11.93 8.25 4.75
C LEU A 63 12.45 8.21 6.22
N GLU A 64 13.71 8.56 6.44
CA GLU A 64 14.27 8.51 7.81
C GLU A 64 13.62 9.52 8.73
N ARG A 65 13.30 10.72 8.25
CA ARG A 65 12.75 11.65 9.19
C ARG A 65 11.43 11.12 9.65
N ILE A 66 10.70 10.60 8.68
CA ILE A 66 9.35 10.10 8.96
C ILE A 66 9.36 8.96 9.94
N LEU A 67 10.23 7.98 9.77
CA LEU A 67 10.35 6.92 10.76
C LEU A 67 10.54 7.51 12.19
N ARG A 68 11.43 8.50 12.30
CA ARG A 68 11.72 9.17 13.59
C ARG A 68 10.50 9.96 14.13
N PHE A 69 9.85 10.73 13.26
CA PHE A 69 8.64 11.44 13.66
C PHE A 69 7.55 10.44 14.16
N ASN A 70 7.40 9.29 13.46
CA ASN A 70 6.39 8.30 13.81
C ASN A 70 6.62 7.65 15.18
N ALA A 71 7.89 7.40 15.51
CA ALA A 71 8.29 6.85 16.81
C ALA A 71 7.97 7.81 17.94
N ASP A 72 8.03 9.11 17.68
CA ASP A 72 7.75 10.10 18.73
C ASP A 72 6.29 10.51 18.82
N HIS A 73 5.49 10.20 17.79
CA HIS A 73 4.12 10.64 17.72
C HIS A 73 3.08 9.53 17.57
N GLY A 74 3.46 8.29 17.85
CA GLY A 74 2.49 7.20 18.01
C GLY A 74 1.98 6.59 16.73
N PHE A 75 2.76 6.64 15.65
CA PHE A 75 2.39 5.94 14.40
C PHE A 75 3.26 4.72 14.13
N ALA A 76 2.65 3.58 13.95
CA ALA A 76 3.49 2.34 13.83
C ALA A 76 3.61 1.93 12.36
N LEU A 77 2.79 2.55 11.49
CA LEU A 77 2.75 2.14 10.04
C LEU A 77 3.07 3.31 9.10
N PHE A 78 3.78 2.98 8.04
CA PHE A 78 4.04 3.98 7.01
C PHE A 78 4.04 3.29 5.64
N ARG A 79 3.39 3.89 4.69
CA ARG A 79 3.41 3.58 3.30
C ARG A 79 4.47 4.45 2.57
N ILE A 80 5.40 3.76 1.96
CA ILE A 80 6.53 4.37 1.19
C ILE A 80 5.99 4.60 -0.22
N GLY A 81 6.03 5.85 -0.67
CA GLY A 81 5.57 6.24 -2.02
C GLY A 81 6.33 5.53 -3.14
N GLN A 82 5.64 5.25 -4.24
CA GLN A 82 6.22 4.55 -5.39
C GLN A 82 7.52 5.16 -5.97
N HIS A 83 7.58 6.47 -5.98
CA HIS A 83 8.76 7.21 -6.49
C HIS A 83 9.98 7.31 -5.48
N LEU A 84 9.96 6.57 -4.37
CA LEU A 84 11.12 6.62 -3.46
C LEU A 84 12.41 6.65 -4.27
N ILE A 85 12.58 5.63 -5.14
CA ILE A 85 13.68 5.60 -6.17
C ILE A 85 12.98 5.91 -7.49
N PRO A 86 12.94 7.20 -7.86
CA PRO A 86 12.10 7.57 -8.99
C PRO A 86 12.38 6.83 -10.33
N PHE A 87 11.37 6.19 -10.97
CA PHE A 87 11.49 5.49 -12.28
C PHE A 87 12.31 4.20 -12.19
N ALA A 88 12.51 3.68 -10.99
CA ALA A 88 13.28 2.45 -10.82
C ALA A 88 12.95 1.29 -11.78
N SER A 89 11.65 1.11 -12.13
CA SER A 89 11.20 -0.02 -12.96
C SER A 89 11.20 0.26 -14.45
N HIS A 90 11.66 1.46 -14.82
CA HIS A 90 11.52 2.00 -16.16
C HIS A 90 12.76 1.62 -16.94
N PRO A 91 12.56 1.24 -18.21
CA PRO A 91 13.71 0.74 -19.02
C PRO A 91 14.85 1.74 -19.21
N LEU A 92 14.56 3.03 -19.01
CA LEU A 92 15.60 4.06 -19.07
C LEU A 92 16.25 4.44 -17.70
N PHE A 93 15.94 3.70 -16.62
CA PHE A 93 16.62 3.97 -15.32
C PHE A 93 18.18 3.90 -15.47
N PRO A 94 18.87 4.98 -15.15
CA PRO A 94 20.30 5.23 -15.36
C PRO A 94 21.37 4.38 -14.58
N TYR A 95 20.97 3.68 -13.51
CA TYR A 95 21.92 2.79 -12.78
C TYR A 95 21.33 1.56 -12.06
N ASP A 96 22.23 0.79 -11.40
CA ASP A 96 21.82 -0.36 -10.58
C ASP A 96 21.40 0.26 -9.27
N TRP A 97 20.08 0.35 -9.07
CA TRP A 97 19.61 1.02 -7.83
C TRP A 97 19.81 0.09 -6.64
N GLU A 98 19.69 -1.22 -6.87
CA GLU A 98 19.82 -2.17 -5.77
C GLU A 98 21.24 -2.18 -5.20
N GLY A 99 22.27 -2.30 -6.05
CA GLY A 99 23.67 -2.08 -5.56
C GLY A 99 24.01 -0.73 -4.94
N ALA A 100 23.37 0.35 -5.41
CA ALA A 100 23.62 1.67 -4.90
C ALA A 100 23.07 1.78 -3.48
N TYR A 101 21.92 1.13 -3.27
CA TYR A 101 21.13 1.45 -2.06
C TYR A 101 21.02 0.31 -1.07
N GLU A 102 21.50 -0.87 -1.42
CA GLU A 102 21.24 -1.99 -0.55
C GLU A 102 21.64 -1.71 0.89
N GLU A 103 22.84 -1.16 1.11
CA GLU A 103 23.37 -0.90 2.46
C GLU A 103 22.54 0.08 3.25
N GLU A 104 22.22 1.21 2.62
CA GLU A 104 21.49 2.26 3.29
C GLU A 104 20.02 1.80 3.59
N LEU A 105 19.40 1.04 2.66
CA LEU A 105 18.07 0.42 2.93
C LEU A 105 18.08 -0.57 4.08
N ALA A 106 19.12 -1.40 4.15
CA ALA A 106 19.27 -2.30 5.31
C ALA A 106 19.33 -1.51 6.64
N ARG A 107 19.98 -0.35 6.60
CA ARG A 107 20.14 0.49 7.77
C ARG A 107 18.82 1.16 8.17
N LEU A 108 18.11 1.68 7.17
CA LEU A 108 16.79 2.24 7.38
C LEU A 108 15.81 1.14 7.80
N GLY A 109 15.95 -0.03 7.23
CA GLY A 109 15.16 -1.18 7.61
C GLY A 109 15.35 -1.55 9.06
N ALA A 110 16.58 -1.38 9.56
CA ALA A 110 16.88 -1.80 10.95
C ALA A 110 16.33 -0.76 11.93
N LEU A 111 16.38 0.51 11.53
CA LEU A 111 15.71 1.54 12.30
C LEU A 111 14.23 1.24 12.45
N ALA A 112 13.53 1.00 11.32
CA ALA A 112 12.12 0.75 11.36
C ALA A 112 11.77 -0.41 12.24
N ARG A 113 12.49 -1.53 12.12
CA ARG A 113 12.30 -2.61 13.06
C ARG A 113 12.57 -2.21 14.54
N ALA A 114 13.63 -1.41 14.78
CA ALA A 114 13.98 -0.96 16.16
C ALA A 114 12.86 -0.10 16.73
N PHE A 115 12.26 0.74 15.87
CA PHE A 115 11.05 1.46 16.26
C PHE A 115 9.75 0.66 16.36
N GLY A 116 9.77 -0.62 15.96
CA GLY A 116 8.56 -1.46 15.81
C GLY A 116 7.67 -1.06 14.62
N GLN A 117 8.23 -0.43 13.58
CA GLN A 117 7.39 0.07 12.46
C GLN A 117 7.13 -0.96 11.39
N ARG A 118 5.97 -0.84 10.74
CA ARG A 118 5.58 -1.74 9.66
C ARG A 118 5.46 -0.89 8.39
N LEU A 119 6.10 -1.37 7.36
CA LEU A 119 6.30 -0.67 6.10
C LEU A 119 5.50 -1.32 4.98
N SER A 120 5.03 -0.47 4.07
CA SER A 120 4.18 -0.96 3.03
C SER A 120 4.37 -0.16 1.73
N MSE A 121 3.86 -0.68 0.62
CA MSE A 121 3.67 0.13 -0.59
C MSE A 121 2.38 -0.23 -1.31
O MSE A 121 1.87 -1.33 -1.13
CB MSE A 121 4.86 -0.03 -1.55
CG MSE A 121 6.24 -0.18 -0.84
SE MSE A 121 7.68 -0.12 -2.10
CE MSE A 121 7.32 1.62 -2.72
N HIS A 122 1.79 0.74 -1.99
CA HIS A 122 0.54 0.52 -2.75
C HIS A 122 0.79 1.03 -4.19
N PRO A 123 1.16 0.14 -5.13
CA PRO A 123 1.34 0.60 -6.53
C PRO A 123 0.09 1.25 -7.12
N GLY A 124 0.27 2.23 -7.99
CA GLY A 124 -0.92 2.94 -8.54
C GLY A 124 -1.96 2.19 -9.37
N GLN A 125 -2.95 2.94 -9.84
CA GLN A 125 -4.07 2.35 -10.55
C GLN A 125 -3.65 1.91 -11.94
N TYR A 126 -2.41 2.23 -12.35
CA TYR A 126 -1.97 1.81 -13.69
C TYR A 126 -1.10 0.52 -13.64
N VAL A 127 -0.91 0.02 -12.43
CA VAL A 127 -0.34 -1.31 -12.24
C VAL A 127 -1.52 -2.29 -12.33
N ASN A 128 -1.59 -3.06 -13.44
CA ASN A 128 -2.68 -4.01 -13.71
C ASN A 128 -2.23 -5.37 -14.29
N PRO A 129 -1.82 -6.32 -13.43
CA PRO A 129 -1.37 -7.65 -13.89
C PRO A 129 -2.45 -8.50 -14.61
N GLY A 130 -3.71 -8.10 -14.49
CA GLY A 130 -4.82 -8.78 -15.17
C GLY A 130 -5.23 -8.20 -16.51
N SER A 131 -4.50 -7.19 -16.98
CA SER A 131 -4.72 -6.56 -18.29
C SER A 131 -4.52 -7.60 -19.41
N PRO A 132 -5.27 -7.48 -20.52
CA PRO A 132 -4.90 -8.48 -21.54
C PRO A 132 -3.78 -7.97 -22.45
N ASP A 133 -3.45 -6.67 -22.34
CA ASP A 133 -2.37 -6.08 -23.12
C ASP A 133 -1.00 -6.47 -22.51
N PRO A 134 -0.20 -7.30 -23.24
CA PRO A 134 0.99 -7.96 -22.71
C PRO A 134 2.05 -6.93 -22.24
N GLU A 135 1.98 -5.73 -22.82
CA GLU A 135 2.85 -4.59 -22.54
C GLU A 135 2.57 -3.96 -21.17
N VAL A 136 1.26 -3.76 -20.89
CA VAL A 136 0.76 -3.39 -19.60
C VAL A 136 1.09 -4.45 -18.57
N VAL A 137 0.89 -5.73 -18.88
CA VAL A 137 1.29 -6.75 -17.91
C VAL A 137 2.81 -6.61 -17.56
N GLU A 138 3.68 -6.61 -18.56
CA GLU A 138 5.16 -6.55 -18.33
C GLU A 138 5.54 -5.28 -17.55
N ARG A 139 4.92 -4.13 -17.86
CA ARG A 139 5.29 -2.95 -17.10
C ARG A 139 4.79 -3.03 -15.67
N SER A 140 3.62 -3.64 -15.50
CA SER A 140 3.01 -3.77 -14.20
C SER A 140 3.89 -4.73 -13.37
N LEU A 141 4.30 -5.83 -13.97
CA LEU A 141 5.11 -6.78 -13.24
C LEU A 141 6.45 -6.14 -12.82
N ALA A 142 7.05 -5.37 -13.72
CA ALA A 142 8.32 -4.64 -13.46
C ALA A 142 8.16 -3.78 -12.18
N GLU A 143 7.13 -2.92 -12.16
CA GLU A 143 6.75 -2.11 -11.00
C GLU A 143 6.52 -2.93 -9.68
N LEU A 144 5.78 -4.03 -9.75
CA LEU A 144 5.59 -4.85 -8.55
C LEU A 144 6.88 -5.57 -8.09
N ARG A 145 7.74 -5.90 -9.06
CA ARG A 145 9.03 -6.55 -8.72
C ARG A 145 10.02 -5.59 -8.01
N TYR A 146 10.02 -4.32 -8.43
CA TYR A 146 10.78 -3.26 -7.80
C TYR A 146 10.23 -3.01 -6.38
N SER A 147 8.91 -3.01 -6.23
CA SER A 147 8.28 -2.76 -4.94
C SER A 147 8.63 -3.91 -3.97
N ALA A 148 8.45 -5.15 -4.42
CA ALA A 148 8.82 -6.29 -3.62
C ALA A 148 10.30 -6.32 -3.26
N ARG A 149 11.19 -6.07 -4.22
CA ARG A 149 12.63 -5.95 -3.92
C ARG A 149 12.95 -4.87 -2.90
N LEU A 150 12.41 -3.66 -3.08
CA LEU A 150 12.55 -2.69 -2.04
C LEU A 150 12.16 -3.17 -0.62
N LEU A 151 11.03 -3.86 -0.46
CA LEU A 151 10.62 -4.32 0.86
C LEU A 151 11.54 -5.43 1.40
N SER A 152 11.94 -6.33 0.51
CA SER A 152 13.02 -7.27 0.84
C SER A 152 14.34 -6.60 1.35
N LEU A 153 14.76 -5.48 0.75
CA LEU A 153 16.04 -4.86 1.09
C LEU A 153 15.96 -4.07 2.38
N LEU A 154 14.75 -3.56 2.65
CA LEU A 154 14.44 -2.92 3.92
C LEU A 154 14.23 -3.95 5.02
N GLY A 155 14.26 -5.22 4.69
CA GLY A 155 14.11 -6.27 5.70
C GLY A 155 12.72 -6.33 6.32
N ALA A 156 11.71 -5.86 5.57
CA ALA A 156 10.36 -5.70 6.04
C ALA A 156 9.64 -7.05 6.10
N GLU A 157 9.86 -7.78 7.20
CA GLU A 157 9.42 -9.16 7.44
C GLU A 157 7.91 -9.33 7.33
N ASP A 158 7.19 -8.30 7.81
CA ASP A 158 5.76 -8.24 7.80
C ASP A 158 5.28 -7.13 6.86
N GLY A 159 6.15 -6.67 5.97
CA GLY A 159 5.80 -5.67 4.98
C GLY A 159 4.61 -6.12 4.11
N VAL A 160 3.92 -5.11 3.63
CA VAL A 160 2.72 -5.35 2.78
C VAL A 160 2.82 -4.57 1.44
N LEU A 161 2.33 -5.19 0.37
CA LEU A 161 2.34 -4.58 -0.94
C LEU A 161 0.90 -4.70 -1.43
N VAL A 162 0.18 -3.58 -1.42
CA VAL A 162 -1.26 -3.59 -1.52
C VAL A 162 -1.67 -3.28 -2.98
N LEU A 163 -2.66 -4.02 -3.50
CA LEU A 163 -3.09 -3.91 -4.86
C LEU A 163 -4.61 -4.14 -4.98
N HIS A 164 -5.27 -3.25 -5.76
CA HIS A 164 -6.63 -3.47 -6.21
C HIS A 164 -6.61 -4.48 -7.33
N LEU A 165 -7.77 -5.06 -7.58
CA LEU A 165 -7.88 -6.07 -8.65
C LEU A 165 -7.96 -5.44 -10.05
N GLY A 166 -8.13 -4.11 -10.14
CA GLY A 166 -7.94 -3.45 -11.43
C GLY A 166 -9.21 -3.55 -12.27
N GLY A 167 -9.04 -3.64 -13.60
CA GLY A 167 -10.19 -3.52 -14.51
C GLY A 167 -10.95 -4.80 -14.79
N ALA A 168 -12.25 -4.63 -15.04
CA ALA A 168 -13.08 -5.73 -15.52
C ALA A 168 -12.71 -6.11 -16.96
N TYR A 169 -12.23 -5.11 -17.73
CA TYR A 169 -11.81 -5.32 -19.14
C TYR A 169 -12.87 -6.13 -19.84
N GLY A 170 -14.14 -5.77 -19.61
CA GLY A 170 -15.27 -6.46 -20.26
C GLY A 170 -15.79 -7.78 -19.71
N GLU A 171 -14.96 -8.55 -19.01
CA GLU A 171 -15.42 -9.83 -18.44
C GLU A 171 -14.55 -10.31 -17.28
N LYS A 172 -15.17 -10.36 -16.10
CA LYS A 172 -14.47 -10.40 -14.81
C LYS A 172 -13.78 -11.70 -14.59
N GLY A 173 -14.46 -12.77 -14.97
CA GLY A 173 -13.97 -14.14 -14.87
C GLY A 173 -12.64 -14.29 -15.58
N LYS A 174 -12.60 -13.87 -16.86
CA LYS A 174 -11.36 -13.80 -17.62
C LYS A 174 -10.36 -12.78 -17.01
N ALA A 175 -10.80 -11.56 -16.60
CA ALA A 175 -9.83 -10.63 -15.98
C ALA A 175 -9.18 -11.20 -14.70
N LEU A 176 -9.95 -11.92 -13.90
CA LEU A 176 -9.41 -12.49 -12.69
C LEU A 176 -8.45 -13.63 -12.98
N ARG A 177 -8.80 -14.47 -13.94
CA ARG A 177 -7.95 -15.59 -14.32
C ARG A 177 -6.59 -15.08 -14.84
N ARG A 178 -6.58 -13.93 -15.53
CA ARG A 178 -5.33 -13.34 -16.04
C ARG A 178 -4.50 -12.83 -14.86
N PHE A 179 -5.19 -12.17 -13.93
CA PHE A 179 -4.57 -11.57 -12.71
C PHE A 179 -3.77 -12.64 -11.93
N VAL A 180 -4.41 -13.77 -11.70
CA VAL A 180 -3.86 -14.92 -10.97
C VAL A 180 -2.77 -15.58 -11.77
N GLU A 181 -3.02 -15.84 -13.06
CA GLU A 181 -1.96 -16.48 -13.92
C GLU A 181 -0.70 -15.66 -13.95
N ASN A 182 -0.85 -14.35 -14.03
CA ASN A 182 0.27 -13.46 -14.21
C ASN A 182 1.04 -13.20 -12.91
N LEU A 183 0.45 -13.55 -11.76
CA LEU A 183 1.09 -13.39 -10.47
C LEU A 183 1.51 -14.66 -9.74
N ARG A 184 0.91 -15.81 -10.08
CA ARG A 184 1.18 -17.09 -9.37
C ARG A 184 2.67 -17.50 -9.35
N GLY A 185 3.36 -17.20 -10.45
CA GLY A 185 4.79 -17.37 -10.56
C GLY A 185 5.73 -16.46 -9.78
N GLU A 186 5.20 -15.37 -9.25
CA GLU A 186 6.03 -14.33 -8.68
C GLU A 186 6.29 -14.53 -7.20
N GLU A 187 7.14 -15.51 -6.90
CA GLU A 187 7.50 -15.84 -5.53
C GLU A 187 7.73 -14.61 -4.64
N GLU A 188 8.62 -13.71 -5.05
CA GLU A 188 8.96 -12.56 -4.21
C GLU A 188 7.86 -11.56 -3.94
N VAL A 189 7.16 -11.20 -5.01
CA VAL A 189 5.99 -10.35 -4.86
C VAL A 189 4.97 -10.99 -3.89
N LEU A 190 4.81 -12.32 -3.96
CA LEU A 190 3.77 -12.98 -3.21
C LEU A 190 4.10 -13.01 -1.72
N ARG A 191 5.35 -12.66 -1.40
CA ARG A 191 5.86 -12.60 -0.01
C ARG A 191 5.11 -11.52 0.74
N TYR A 192 4.68 -10.50 -0.02
CA TYR A 192 4.16 -9.23 0.57
C TYR A 192 2.77 -8.85 0.11
N LEU A 193 2.40 -9.36 -1.06
CA LEU A 193 1.17 -8.93 -1.76
C LEU A 193 -0.08 -9.19 -0.88
N ALA A 194 -0.95 -8.16 -0.78
CA ALA A 194 -2.25 -8.29 -0.24
C ALA A 194 -3.23 -7.54 -1.18
N LEU A 195 -4.44 -8.09 -1.34
CA LEU A 195 -5.49 -7.52 -2.20
C LEU A 195 -6.54 -6.75 -1.46
N GLU A 196 -7.01 -5.68 -2.11
CA GLU A 196 -7.89 -4.74 -1.45
C GLU A 196 -9.19 -4.56 -2.27
N ASN A 197 -10.32 -4.51 -1.59
CA ASN A 197 -11.62 -4.31 -2.25
C ASN A 197 -11.72 -2.87 -2.73
N ASP A 198 -12.56 -2.64 -3.72
CA ASP A 198 -12.78 -1.27 -4.22
C ASP A 198 -14.21 -0.86 -4.31
N GLU A 199 -14.42 0.43 -4.63
CA GLU A 199 -15.76 1.04 -4.48
C GLU A 199 -16.72 0.78 -5.65
N ARG A 200 -16.18 0.24 -6.75
CA ARG A 200 -16.92 0.10 -8.02
C ARG A 200 -17.03 -1.32 -8.56
N LEU A 201 -15.96 -2.13 -8.48
CA LEU A 201 -15.88 -3.35 -9.28
C LEU A 201 -15.71 -4.65 -8.51
N TRP A 202 -14.89 -4.61 -7.46
CA TRP A 202 -14.58 -5.85 -6.75
C TRP A 202 -14.85 -5.68 -5.26
N ASN A 203 -15.91 -6.33 -4.79
CA ASN A 203 -16.25 -6.34 -3.36
C ASN A 203 -15.36 -7.25 -2.48
N VAL A 204 -15.57 -7.23 -1.15
CA VAL A 204 -14.76 -8.16 -0.29
C VAL A 204 -14.93 -9.69 -0.57
N GLU A 205 -16.17 -10.17 -0.73
CA GLU A 205 -16.38 -11.61 -1.11
C GLU A 205 -15.60 -11.99 -2.34
N GLU A 206 -15.64 -11.13 -3.35
CA GLU A 206 -14.85 -11.30 -4.59
C GLU A 206 -13.29 -11.36 -4.41
N VAL A 207 -12.77 -10.46 -3.58
CA VAL A 207 -11.35 -10.32 -3.31
C VAL A 207 -10.87 -11.54 -2.50
N LEU A 208 -11.72 -12.04 -1.60
CA LEU A 208 -11.39 -13.21 -0.79
C LEU A 208 -11.11 -14.43 -1.69
N LYS A 209 -11.95 -14.64 -2.72
CA LYS A 209 -11.78 -15.64 -3.80
C LYS A 209 -10.45 -15.51 -4.54
N ALA A 210 -10.14 -14.30 -5.02
CA ALA A 210 -8.85 -14.01 -5.67
C ALA A 210 -7.68 -14.25 -4.73
N ALA A 211 -7.82 -13.73 -3.50
CA ALA A 211 -6.75 -13.87 -2.53
C ALA A 211 -6.45 -15.35 -2.21
N GLU A 212 -7.47 -16.19 -2.01
CA GLU A 212 -7.32 -17.68 -1.75
C GLU A 212 -6.63 -18.36 -2.92
N ALA A 213 -7.00 -17.98 -4.13
CA ALA A 213 -6.35 -18.61 -5.29
C ALA A 213 -4.84 -18.35 -5.33
N LEU A 214 -4.45 -17.15 -4.89
CA LEU A 214 -3.06 -16.76 -4.84
C LEU A 214 -2.34 -16.99 -3.53
N GLY A 215 -3.07 -17.44 -2.50
CA GLY A 215 -2.51 -17.66 -1.14
C GLY A 215 -2.00 -16.39 -0.43
N VAL A 216 -2.71 -15.27 -0.60
CA VAL A 216 -2.30 -14.01 0.00
C VAL A 216 -3.44 -13.40 0.89
N PRO A 217 -3.10 -12.41 1.73
CA PRO A 217 -4.12 -11.80 2.60
C PRO A 217 -5.04 -10.74 1.94
N VAL A 218 -6.11 -10.39 2.63
CA VAL A 218 -7.05 -9.34 2.15
C VAL A 218 -7.10 -8.10 3.09
N VAL A 219 -6.98 -6.91 2.49
CA VAL A 219 -7.02 -5.62 3.17
C VAL A 219 -8.47 -5.15 2.87
N VAL A 220 -9.26 -4.98 3.95
CA VAL A 220 -10.53 -4.42 3.86
C VAL A 220 -10.38 -2.92 4.00
N ASP A 221 -10.98 -2.21 3.05
CA ASP A 221 -11.08 -0.74 3.10
C ASP A 221 -12.51 -0.39 3.44
N THR A 222 -12.69 0.39 4.49
CA THR A 222 -13.99 0.58 5.10
C THR A 222 -14.81 1.52 4.19
N LEU A 223 -14.16 2.48 3.57
CA LEU A 223 -14.95 3.46 2.68
C LEU A 223 -15.43 2.71 1.42
N HIS A 224 -14.51 2.00 0.80
CA HIS A 224 -14.76 1.16 -0.34
C HIS A 224 -15.84 0.13 -0.01
N HIS A 225 -15.69 -0.60 1.12
CA HIS A 225 -16.74 -1.51 1.62
C HIS A 225 -18.12 -0.83 1.69
N ALA A 226 -18.19 0.30 2.38
CA ALA A 226 -19.45 1.07 2.45
C ALA A 226 -20.13 1.33 1.10
N LEU A 227 -19.32 1.70 0.09
CA LEU A 227 -19.86 2.03 -1.25
C LEU A 227 -20.17 0.78 -2.06
N ASN A 228 -19.54 -0.32 -1.67
CA ASN A 228 -19.61 -1.53 -2.49
C ASN A 228 -19.54 -2.80 -1.58
N PRO A 229 -20.60 -2.97 -0.76
CA PRO A 229 -20.51 -4.03 0.26
C PRO A 229 -20.79 -5.47 -0.14
N GLY A 230 -21.37 -5.70 -1.32
CA GLY A 230 -21.94 -7.02 -1.57
C GLY A 230 -23.00 -7.31 -0.50
N ARG A 231 -22.90 -8.49 0.07
CA ARG A 231 -23.86 -9.07 1.03
C ARG A 231 -23.44 -8.90 2.46
N LEU A 232 -22.25 -8.35 2.66
CA LEU A 232 -21.58 -8.42 3.98
C LEU A 232 -21.61 -7.12 4.76
N PRO A 233 -22.02 -7.23 6.03
CA PRO A 233 -21.80 -6.19 7.02
C PRO A 233 -20.29 -6.04 7.19
N LEU A 234 -19.86 -4.85 7.54
CA LEU A 234 -18.39 -4.61 7.75
C LEU A 234 -17.82 -5.68 8.70
N GLU A 235 -18.56 -5.99 9.77
CA GLU A 235 -18.12 -6.95 10.77
C GLU A 235 -17.77 -8.30 10.21
N GLU A 236 -18.63 -8.83 9.33
CA GLU A 236 -18.37 -10.13 8.70
C GLU A 236 -17.23 -10.04 7.68
N ALA A 237 -17.14 -8.96 6.94
CA ALA A 237 -15.99 -8.67 6.04
C ALA A 237 -14.68 -8.79 6.82
N LEU A 238 -14.60 -8.14 7.96
CA LEU A 238 -13.37 -8.10 8.73
C LEU A 238 -13.18 -9.52 9.25
N ARG A 239 -14.26 -10.21 9.62
CA ARG A 239 -14.10 -11.53 10.27
C ARG A 239 -13.59 -12.54 9.27
N LEU A 240 -14.08 -12.45 8.03
CA LEU A 240 -13.59 -13.31 6.95
C LEU A 240 -12.15 -12.94 6.58
N ALA A 241 -11.81 -11.65 6.59
CA ALA A 241 -10.45 -11.19 6.13
C ALA A 241 -9.31 -11.57 7.14
N PHE A 242 -9.64 -11.52 8.45
CA PHE A 242 -8.68 -11.70 9.54
C PHE A 242 -7.85 -13.03 9.38
N PRO A 243 -8.51 -14.17 9.19
CA PRO A 243 -7.86 -15.52 8.95
C PRO A 243 -6.89 -15.59 7.76
N THR A 244 -6.96 -14.59 6.87
CA THR A 244 -6.07 -14.56 5.65
C THR A 244 -4.70 -13.99 5.90
N TRP A 245 -4.46 -13.47 7.10
CA TRP A 245 -3.16 -12.93 7.54
C TRP A 245 -2.45 -13.90 8.51
N ARG A 246 -1.28 -14.30 8.14
CA ARG A 246 -0.39 -15.01 9.10
C ARG A 246 0.03 -14.09 10.24
N GLY A 247 0.34 -12.84 9.91
CA GLY A 247 0.59 -11.79 10.89
C GLY A 247 -0.60 -10.89 11.25
N ARG A 248 -0.31 -9.69 11.70
CA ARG A 248 -1.37 -8.71 12.04
C ARG A 248 -2.13 -8.25 10.76
N PRO A 249 -3.46 -8.36 10.80
CA PRO A 249 -4.25 -7.90 9.62
C PRO A 249 -4.06 -6.40 9.44
N KCX A 250 -4.11 -5.97 8.18
CA KCX A 250 -4.08 -4.53 7.87
CB KCX A 250 -2.93 -4.28 6.89
CG KCX A 250 -2.81 -2.78 6.44
CD KCX A 250 -1.79 -2.60 5.27
CE KCX A 250 -1.67 -1.14 5.02
NZ KCX A 250 -0.55 -0.54 4.26
C KCX A 250 -5.42 -4.09 7.29
O KCX A 250 -5.98 -4.74 6.46
CX KCX A 250 -0.78 0.08 3.14
OQ1 KCX A 250 0.15 0.67 2.52
OQ2 KCX A 250 -1.92 0.06 2.66
N VAL A 251 -5.92 -2.90 7.65
CA VAL A 251 -7.26 -2.47 7.17
C VAL A 251 -7.02 -1.06 6.72
N HIS A 252 -7.88 -0.50 5.84
CA HIS A 252 -7.77 0.93 5.48
C HIS A 252 -8.98 1.67 5.99
N LEU A 253 -8.70 2.83 6.55
CA LEU A 253 -9.71 3.73 7.06
C LEU A 253 -9.70 5.11 6.35
N ALA A 254 -10.85 5.45 5.78
CA ALA A 254 -11.06 6.79 5.12
C ALA A 254 -12.45 7.27 5.40
N SER A 255 -12.67 8.58 5.29
CA SER A 255 -14.01 9.12 5.26
C SER A 255 -14.35 9.82 3.90
N GLN A 256 -15.62 9.77 3.58
CA GLN A 256 -16.14 10.52 2.44
C GLN A 256 -15.89 12.03 2.54
N ASP A 257 -15.23 12.60 1.53
CA ASP A 257 -15.10 14.06 1.31
C ASP A 257 -16.54 14.57 0.95
N PRO A 258 -17.16 15.31 1.88
CA PRO A 258 -18.54 15.73 1.70
C PRO A 258 -18.86 16.41 0.33
N LYS A 259 -19.98 15.99 -0.26
CA LYS A 259 -20.47 16.51 -1.53
C LYS A 259 -19.53 16.32 -2.76
N LYS A 260 -18.45 15.54 -2.62
CA LYS A 260 -17.53 15.30 -3.74
C LYS A 260 -17.86 13.94 -4.36
N ARG A 261 -17.14 13.56 -5.36
CA ARG A 261 -17.28 12.23 -5.95
C ARG A 261 -17.29 11.12 -4.89
N PRO A 262 -18.18 10.11 -5.04
CA PRO A 262 -18.20 9.00 -4.10
C PRO A 262 -16.86 8.24 -4.04
N GLY A 263 -16.35 8.09 -2.83
CA GLY A 263 -15.05 7.45 -2.55
C GLY A 263 -13.92 8.47 -2.46
N ALA A 264 -14.19 9.75 -2.78
CA ALA A 264 -13.15 10.78 -2.59
C ALA A 264 -12.82 10.90 -1.09
N HIS A 265 -11.53 11.06 -0.75
CA HIS A 265 -11.05 11.04 0.64
C HIS A 265 -11.13 12.38 1.26
N ALA A 266 -11.81 12.44 2.40
CA ALA A 266 -11.85 13.66 3.26
C ALA A 266 -10.45 14.01 3.85
N PHE A 267 -10.31 15.28 4.23
CA PHE A 267 -9.06 15.73 4.93
C PHE A 267 -8.79 14.90 6.19
N ARG A 268 -9.80 14.76 7.05
CA ARG A 268 -9.71 14.02 8.30
C ARG A 268 -10.84 12.99 8.33
N VAL A 269 -10.52 11.84 8.88
CA VAL A 269 -11.52 10.83 9.16
C VAL A 269 -12.45 11.25 10.25
N THR A 270 -13.73 10.99 10.05
CA THR A 270 -14.72 11.32 11.07
C THR A 270 -14.60 10.43 12.34
N ARG A 271 -14.97 11.02 13.47
CA ARG A 271 -15.17 10.30 14.69
C ARG A 271 -16.15 9.15 14.51
N GLU A 272 -17.26 9.37 13.79
CA GLU A 272 -18.21 8.32 13.60
C GLU A 272 -17.58 7.17 12.83
N ASP A 273 -16.77 7.49 11.83
CA ASP A 273 -16.21 6.38 11.03
C ASP A 273 -15.18 5.61 11.84
N TRP A 274 -14.38 6.33 12.61
CA TRP A 274 -13.36 5.66 13.51
C TRP A 274 -14.08 4.69 14.47
N GLU A 275 -15.13 5.21 15.09
CA GLU A 275 -16.02 4.46 16.02
C GLU A 275 -16.56 3.15 15.48
N ARG A 276 -17.12 3.22 14.27
CA ARG A 276 -17.72 2.09 13.52
C ARG A 276 -16.64 0.99 13.27
N LEU A 277 -15.47 1.39 12.85
CA LEU A 277 -14.39 0.40 12.66
C LEU A 277 -13.97 -0.23 13.99
N LEU A 278 -13.77 0.60 14.99
CA LEU A 278 -13.37 0.06 16.32
C LEU A 278 -14.40 -1.00 16.84
N SER A 279 -15.66 -0.73 16.57
CA SER A 279 -16.72 -1.64 17.03
C SER A 279 -16.80 -2.94 16.21
N ALA A 280 -16.38 -2.89 14.93
CA ALA A 280 -16.47 -4.01 13.98
C ALA A 280 -15.26 -4.96 14.07
N LEU A 281 -14.14 -4.47 14.63
CA LEU A 281 -12.89 -5.24 14.49
C LEU A 281 -12.94 -6.45 15.39
N PRO A 282 -12.65 -7.61 14.83
CA PRO A 282 -12.70 -8.81 15.66
C PRO A 282 -11.52 -8.99 16.62
N GLY A 283 -10.43 -8.25 16.40
CA GLY A 283 -9.33 -8.26 17.34
C GLY A 283 -8.26 -7.28 16.87
N PRO A 284 -7.06 -7.37 17.45
CA PRO A 284 -5.95 -6.44 17.18
C PRO A 284 -5.68 -6.31 15.69
N ALA A 285 -5.49 -5.08 15.20
CA ALA A 285 -5.09 -4.92 13.80
C ALA A 285 -4.33 -3.63 13.54
N ASP A 286 -3.84 -3.48 12.32
CA ASP A 286 -3.10 -2.29 11.89
C ASP A 286 -3.94 -1.48 10.93
N VAL A 287 -4.12 -0.21 11.24
CA VAL A 287 -5.09 0.60 10.45
C VAL A 287 -4.36 1.76 9.66
N MSE A 288 -4.40 1.69 8.33
CA MSE A 288 -3.71 2.72 7.57
C MSE A 288 -4.81 3.77 7.35
O MSE A 288 -5.87 3.45 6.79
CB MSE A 288 -3.29 2.17 6.22
CG MSE A 288 -2.79 3.24 5.26
SE MSE A 288 -1.16 4.06 5.76
CE MSE A 288 -0.19 2.40 5.94
N VAL A 289 -4.54 4.98 7.81
CA VAL A 289 -5.48 6.10 7.63
C VAL A 289 -5.22 6.76 6.26
N GLU A 290 -6.20 6.66 5.38
CA GLU A 290 -6.06 7.23 4.05
C GLU A 290 -6.86 8.55 3.93
N ALA A 291 -6.21 9.65 4.29
CA ALA A 291 -6.94 10.91 4.40
C ALA A 291 -6.01 11.96 3.83
N LYS A 292 -6.56 13.05 3.32
CA LYS A 292 -5.74 14.09 2.71
C LYS A 292 -4.82 14.79 3.70
N GLY A 293 -5.22 14.77 4.99
CA GLY A 293 -4.36 15.21 6.08
C GLY A 293 -3.18 14.38 6.53
N LYS A 294 -3.04 13.17 6.03
CA LYS A 294 -1.82 12.38 6.33
C LYS A 294 -1.70 12.16 7.85
N GLU A 295 -0.65 12.66 8.47
CA GLU A 295 -0.53 12.47 9.93
C GLU A 295 -1.60 13.22 10.73
N GLN A 296 -2.28 14.17 10.09
CA GLN A 296 -3.38 14.91 10.70
C GLN A 296 -4.75 14.30 10.37
N GLY A 297 -4.76 13.09 9.81
CA GLY A 297 -6.03 12.52 9.29
C GLY A 297 -6.96 11.93 10.35
N LEU A 298 -6.47 11.69 11.57
CA LEU A 298 -7.35 11.13 12.64
C LEU A 298 -7.49 11.88 14.01
N ALA A 299 -6.65 11.55 15.01
CA ALA A 299 -6.94 11.77 16.46
C ALA A 299 -8.38 11.44 16.87
MN MN B . -7.79 1.86 0.46
MN MN C . -6.21 0.77 -2.11
MN MN D . -10.19 5.03 -1.52
NA NA E . -20.38 3.15 16.07
#